data_3HWU
#
_entry.id   3HWU
#
_cell.length_a   53.897
_cell.length_b   53.897
_cell.length_c   111.100
_cell.angle_alpha   90.000
_cell.angle_beta   90.000
_cell.angle_gamma   120.000
#
_symmetry.space_group_name_H-M   'H 3'
#
loop_
_entity.id
_entity.type
_entity.pdbx_description
1 polymer 'Putative DNA-binding protein'
2 water water
#
_entity_poly.entity_id   1
_entity_poly.type   'polypeptide(L)'
_entity_poly.pdbx_seq_one_letter_code
;GQELKGKY(MSE)KTPTGYL(MSE)VLRHGDNVLQNLEQLARDEHIPSASFVGIGF(MSE)SEATFGFYDFGRKQFDPKT
YRNVE(MSE)AN(MSE)TGSIAWKEGKPSIHAHGTVTDGTFQGAGGHLLGLTVGTGSCEITVTVYPQRLDRFVDPEIQAN
VLGLPQQ
;
_entity_poly.pdbx_strand_id   A
#
# COMPACT_ATOMS: atom_id res chain seq x y z
N GLN A 2 -4.28 -20.05 4.59
CA GLN A 2 -2.94 -20.30 5.20
C GLN A 2 -1.85 -19.37 4.64
N GLU A 3 -2.19 -18.54 3.66
N GLU A 3 -2.20 -18.50 3.66
CA GLU A 3 -1.20 -17.69 2.99
CA GLU A 3 -1.18 -17.71 2.93
C GLU A 3 -0.39 -16.84 3.95
C GLU A 3 -0.44 -16.69 3.82
N LEU A 4 -1.08 -16.28 4.92
CA LEU A 4 -0.49 -15.30 5.83
C LEU A 4 -0.02 -15.92 7.12
N LYS A 5 0.02 -17.27 7.19
CA LYS A 5 0.46 -17.95 8.39
C LYS A 5 1.81 -17.47 8.81
N GLY A 6 1.90 -17.03 10.05
CA GLY A 6 3.14 -16.56 10.64
C GLY A 6 3.62 -15.18 10.21
N LYS A 7 2.80 -14.45 9.48
CA LYS A 7 3.24 -13.18 8.91
C LYS A 7 2.67 -11.97 9.67
N TYR A 8 1.77 -12.18 10.64
CA TYR A 8 1.30 -11.06 11.41
C TYR A 8 0.88 -11.49 12.81
N LYS A 10 -1.78 -9.86 16.13
CA LYS A 10 -2.71 -8.85 16.63
C LYS A 10 -2.04 -8.02 17.71
N THR A 11 -2.23 -6.69 17.59
CA THR A 11 -1.74 -5.75 18.59
C THR A 11 -2.94 -5.00 19.20
N PRO A 12 -2.74 -4.27 20.30
CA PRO A 12 -3.87 -3.54 20.87
C PRO A 12 -4.57 -2.59 19.91
N THR A 13 -3.80 -1.96 19.03
CA THR A 13 -4.33 -0.98 18.11
C THR A 13 -4.55 -1.49 16.69
N GLY A 14 -4.19 -2.74 16.39
CA GLY A 14 -4.35 -3.23 15.05
C GLY A 14 -3.55 -4.52 14.84
N TYR A 15 -2.55 -4.48 13.96
CA TYR A 15 -1.70 -5.63 13.68
C TYR A 15 -0.27 -5.17 13.47
N LEU A 16 0.67 -6.09 13.64
CA LEU A 16 2.05 -5.92 13.20
C LEU A 16 2.31 -7.05 12.22
N VAL A 18 5.14 -8.92 9.56
CA VAL A 18 6.54 -9.09 9.16
C VAL A 18 6.54 -9.99 7.91
N LEU A 19 6.74 -9.35 6.77
CA LEU A 19 6.82 -10.02 5.49
C LEU A 19 8.26 -10.40 5.21
N ARG A 20 8.41 -11.42 4.38
CA ARG A 20 9.65 -12.12 4.17
C ARG A 20 10.03 -12.16 2.69
N HIS A 21 11.24 -12.64 2.42
N HIS A 21 11.21 -12.71 2.41
CA HIS A 21 11.79 -12.71 1.07
CA HIS A 21 11.77 -12.61 1.07
C HIS A 21 10.75 -13.17 0.05
C HIS A 21 10.81 -13.18 0.03
N GLY A 22 10.59 -12.37 -0.99
CA GLY A 22 9.72 -12.68 -2.11
C GLY A 22 8.28 -12.21 -1.94
N ASP A 23 7.89 -11.77 -0.75
CA ASP A 23 6.48 -11.37 -0.53
C ASP A 23 6.17 -10.07 -1.29
N ASN A 24 5.00 -10.06 -1.91
N ASN A 24 5.10 -10.07 -2.08
CA ASN A 24 4.46 -8.93 -2.59
CA ASN A 24 4.61 -8.83 -2.64
C ASN A 24 3.71 -8.06 -1.57
C ASN A 24 3.85 -8.12 -1.53
N VAL A 25 4.25 -6.89 -1.28
CA VAL A 25 3.81 -6.15 -0.07
C VAL A 25 2.35 -5.69 -0.15
N LEU A 26 1.98 -5.00 -1.23
CA LEU A 26 0.60 -4.51 -1.27
C LEU A 26 -0.39 -5.66 -1.36
N GLN A 27 -0.04 -6.71 -2.09
CA GLN A 27 -0.93 -7.88 -2.16
C GLN A 27 -1.09 -8.54 -0.79
N ASN A 28 -0.03 -8.61 0.00
CA ASN A 28 -0.17 -9.18 1.34
C ASN A 28 -1.05 -8.28 2.23
N LEU A 29 -0.97 -6.97 2.07
CA LEU A 29 -1.88 -6.06 2.80
C LEU A 29 -3.35 -6.23 2.36
N GLU A 30 -3.56 -6.40 1.05
CA GLU A 30 -4.88 -6.76 0.56
C GLU A 30 -5.40 -8.04 1.20
N GLN A 31 -4.52 -9.06 1.27
CA GLN A 31 -4.95 -10.31 1.88
C GLN A 31 -5.24 -10.16 3.39
N LEU A 32 -4.45 -9.37 4.12
CA LEU A 32 -4.74 -9.11 5.51
C LEU A 32 -6.14 -8.45 5.63
N ALA A 33 -6.40 -7.49 4.77
CA ALA A 33 -7.70 -6.81 4.79
C ALA A 33 -8.87 -7.80 4.62
N ARG A 34 -8.70 -8.72 3.67
N ARG A 34 -8.73 -8.73 3.68
CA ARG A 34 -9.72 -9.71 3.43
CA ARG A 34 -9.74 -9.78 3.53
C ARG A 34 -9.81 -10.76 4.54
C ARG A 34 -9.81 -10.68 4.74
N ASP A 35 -8.69 -11.25 5.08
CA ASP A 35 -8.67 -12.30 6.11
C ASP A 35 -9.15 -11.82 7.46
N GLU A 36 -8.84 -10.57 7.77
CA GLU A 36 -9.19 -10.01 9.06
C GLU A 36 -10.39 -9.04 8.92
N HIS A 37 -10.98 -8.93 7.73
CA HIS A 37 -12.17 -8.06 7.51
C HIS A 37 -11.92 -6.67 8.06
N ILE A 38 -10.78 -6.10 7.75
CA ILE A 38 -10.41 -4.78 8.23
C ILE A 38 -11.39 -3.75 7.71
N PRO A 39 -12.07 -3.00 8.60
CA PRO A 39 -12.99 -1.98 8.05
C PRO A 39 -12.26 -0.85 7.30
N SER A 40 -11.22 -0.32 7.95
CA SER A 40 -10.28 0.61 7.38
C SER A 40 -9.07 0.63 8.32
N ALA A 41 -7.96 1.19 7.84
CA ALA A 41 -6.74 1.22 8.62
C ALA A 41 -5.75 2.21 8.05
N SER A 42 -4.85 2.66 8.93
N SER A 42 -4.79 2.61 8.87
N SER A 42 -4.81 2.60 8.91
CA SER A 42 -3.60 3.36 8.56
CA SER A 42 -3.59 3.26 8.36
CA SER A 42 -3.60 3.33 8.53
C SER A 42 -2.42 2.39 8.70
C SER A 42 -2.37 2.46 8.76
C SER A 42 -2.38 2.43 8.75
N PHE A 43 -1.30 2.65 8.01
CA PHE A 43 -0.08 1.91 8.28
C PHE A 43 1.16 2.68 7.95
N VAL A 44 2.26 2.24 8.57
CA VAL A 44 3.61 2.66 8.23
C VAL A 44 4.50 1.40 8.19
N GLY A 45 5.64 1.47 7.51
CA GLY A 45 6.53 0.33 7.46
C GLY A 45 7.91 0.64 6.94
N ILE A 46 8.78 -0.37 7.02
CA ILE A 46 10.16 -0.29 6.54
C ILE A 46 10.51 -1.67 5.99
N GLY A 47 11.57 -1.74 5.17
CA GLY A 47 12.08 -3.05 4.77
C GLY A 47 13.11 -2.95 3.67
N PHE A 48 13.44 -4.06 3.03
CA PHE A 48 14.40 -4.12 1.93
C PHE A 48 13.72 -4.82 0.77
N SER A 50 13.52 -6.18 -3.28
CA SER A 50 14.15 -6.54 -4.55
C SER A 50 13.66 -5.64 -5.70
N GLU A 51 12.41 -5.21 -5.62
N GLU A 51 12.38 -5.25 -5.61
CA GLU A 51 11.95 -4.21 -6.55
CA GLU A 51 11.73 -4.38 -6.61
C GLU A 51 10.83 -3.40 -5.93
C GLU A 51 10.78 -3.41 -5.91
N ALA A 52 10.81 -2.13 -6.28
CA ALA A 52 9.78 -1.19 -5.88
C ALA A 52 9.44 -0.36 -7.11
N THR A 53 8.17 -0.32 -7.45
CA THR A 53 7.66 0.42 -8.61
C THR A 53 6.73 1.53 -8.15
N PHE A 54 7.05 2.74 -8.58
CA PHE A 54 6.28 3.93 -8.29
C PHE A 54 5.61 4.43 -9.57
N GLY A 55 4.63 5.28 -9.40
CA GLY A 55 3.95 5.89 -10.54
C GLY A 55 3.71 7.36 -10.29
N PHE A 56 3.83 8.21 -11.32
CA PHE A 56 3.49 9.62 -11.25
C PHE A 56 2.34 9.79 -12.21
N TYR A 57 1.20 10.19 -11.69
CA TYR A 57 -0.02 10.17 -12.48
C TYR A 57 -0.11 11.33 -13.47
N ASP A 58 -0.52 10.99 -14.69
N ASP A 58 -0.46 11.00 -14.71
CA ASP A 58 -0.69 11.91 -15.82
CA ASP A 58 -0.71 12.00 -15.73
C ASP A 58 -2.21 12.06 -16.01
C ASP A 58 -2.20 12.07 -15.96
N PHE A 59 -2.76 13.21 -15.62
CA PHE A 59 -4.23 13.40 -15.69
C PHE A 59 -4.73 13.50 -17.13
N GLY A 60 -3.88 14.04 -18.02
CA GLY A 60 -4.22 14.17 -19.41
C GLY A 60 -4.45 12.86 -20.12
N ARG A 61 -3.59 11.87 -19.89
N ARG A 61 -3.66 11.83 -19.80
CA ARG A 61 -3.70 10.62 -20.61
CA ARG A 61 -3.91 10.50 -20.34
C ARG A 61 -4.19 9.48 -19.69
C ARG A 61 -4.46 9.50 -19.36
N LYS A 62 -4.53 9.84 -18.44
N LYS A 62 -4.67 9.94 -18.12
CA LYS A 62 -5.18 8.93 -17.48
CA LYS A 62 -5.22 9.08 -17.09
C LYS A 62 -4.35 7.70 -17.18
C LYS A 62 -4.41 7.78 -16.94
N GLN A 63 -3.08 7.91 -16.92
CA GLN A 63 -2.15 6.80 -16.73
C GLN A 63 -1.07 7.24 -15.76
N PHE A 64 -0.55 6.28 -15.00
CA PHE A 64 0.69 6.47 -14.24
C PHE A 64 1.93 6.31 -15.13
N ASP A 65 2.90 7.22 -15.07
CA ASP A 65 4.22 7.00 -15.66
C ASP A 65 4.98 6.22 -14.58
N PRO A 66 5.45 4.99 -14.88
CA PRO A 66 6.09 4.20 -13.84
C PRO A 66 7.59 4.25 -13.81
N LYS A 67 8.14 3.89 -12.67
CA LYS A 67 9.60 3.75 -12.49
C LYS A 67 9.89 2.66 -11.46
N THR A 68 10.81 1.78 -11.83
CA THR A 68 11.18 0.68 -10.96
C THR A 68 12.59 0.81 -10.43
N TYR A 69 12.72 0.61 -9.13
CA TYR A 69 14.00 0.54 -8.45
C TYR A 69 14.24 -0.87 -7.96
N ARG A 70 15.48 -1.31 -8.01
CA ARG A 70 15.87 -2.64 -7.62
C ARG A 70 16.82 -2.66 -6.44
N ASN A 71 16.67 -3.64 -5.56
CA ASN A 71 17.58 -3.86 -4.43
C ASN A 71 17.82 -2.57 -3.62
N VAL A 72 16.72 -2.10 -3.04
CA VAL A 72 16.68 -0.83 -2.33
C VAL A 72 16.16 -0.98 -0.90
N GLU A 73 16.74 -0.22 0.01
CA GLU A 73 16.14 -0.06 1.35
C GLU A 73 14.92 0.82 1.24
N ALA A 75 13.06 3.25 3.24
CA ALA A 75 13.24 4.08 4.42
C ALA A 75 11.92 4.36 5.15
N ASN A 76 10.83 4.40 4.38
CA ASN A 76 9.49 4.51 4.96
C ASN A 76 8.46 4.14 3.93
N THR A 78 4.09 4.73 4.03
CA THR A 78 2.97 5.29 4.77
C THR A 78 1.76 5.07 3.89
N GLY A 79 0.63 4.62 4.45
CA GLY A 79 -0.56 4.37 3.63
C GLY A 79 -1.82 4.06 4.39
N SER A 80 -2.84 3.68 3.65
CA SER A 80 -4.14 3.32 4.21
C SER A 80 -4.73 2.11 3.52
N ILE A 81 -5.56 1.41 4.30
CA ILE A 81 -6.42 0.31 3.81
C ILE A 81 -7.85 0.78 3.80
N ALA A 82 -8.50 0.64 2.65
CA ALA A 82 -9.92 0.89 2.51
C ALA A 82 -10.42 -0.06 1.40
N TRP A 83 -11.60 0.22 0.88
CA TRP A 83 -12.30 -0.66 -0.05
C TRP A 83 -12.79 0.08 -1.28
N LYS A 84 -12.89 -0.63 -2.40
CA LYS A 84 -13.51 -0.06 -3.57
C LYS A 84 -14.13 -1.19 -4.35
N GLU A 85 -15.44 -1.08 -4.59
N GLU A 85 -15.43 -1.06 -4.62
CA GLU A 85 -16.18 -2.10 -5.35
CA GLU A 85 -16.19 -2.08 -5.38
C GLU A 85 -15.98 -3.48 -4.75
C GLU A 85 -16.08 -3.47 -4.75
N GLY A 86 -16.00 -3.52 -3.42
CA GLY A 86 -15.92 -4.76 -2.70
C GLY A 86 -14.55 -5.39 -2.50
N LYS A 87 -13.53 -4.77 -3.06
CA LYS A 87 -12.16 -5.28 -3.03
C LYS A 87 -11.30 -4.35 -2.19
N PRO A 88 -10.27 -4.91 -1.55
CA PRO A 88 -9.39 -4.01 -0.81
C PRO A 88 -8.72 -3.02 -1.73
N SER A 89 -8.56 -1.82 -1.23
CA SER A 89 -7.99 -0.70 -1.97
C SER A 89 -6.91 -0.06 -1.14
N ILE A 90 -5.67 -0.46 -1.43
CA ILE A 90 -4.51 -0.01 -0.65
C ILE A 90 -3.98 1.26 -1.32
N HIS A 91 -3.70 2.28 -0.54
CA HIS A 91 -3.13 3.55 -0.98
C HIS A 91 -1.84 3.70 -0.21
N ALA A 92 -0.71 3.57 -0.89
CA ALA A 92 0.56 3.57 -0.20
C ALA A 92 1.57 4.45 -0.96
N HIS A 93 2.39 5.15 -0.18
CA HIS A 93 3.55 5.87 -0.69
C HIS A 93 4.80 5.28 -0.03
N GLY A 94 5.96 5.49 -0.65
CA GLY A 94 7.20 5.05 -0.08
C GLY A 94 8.38 5.91 -0.48
N THR A 95 9.46 5.72 0.26
CA THR A 95 10.74 6.38 0.08
C THR A 95 11.80 5.24 0.11
N VAL A 96 12.60 5.14 -0.96
CA VAL A 96 13.62 4.08 -1.12
C VAL A 96 14.98 4.72 -1.36
N THR A 97 16.02 4.01 -0.96
CA THR A 97 17.39 4.47 -1.11
C THR A 97 18.27 3.27 -1.49
N ASP A 98 19.39 3.55 -2.15
CA ASP A 98 20.31 2.51 -2.59
C ASP A 98 21.70 2.77 -2.01
N GLY A 99 22.73 2.21 -2.65
CA GLY A 99 24.08 2.39 -2.16
C GLY A 99 24.65 3.79 -2.34
N THR A 100 23.94 4.67 -3.03
CA THR A 100 24.30 6.10 -3.05
C THR A 100 23.67 6.85 -1.86
N PHE A 101 22.72 6.19 -1.19
CA PHE A 101 21.89 6.76 -0.12
C PHE A 101 20.93 7.82 -0.56
N GLN A 102 20.85 8.11 -1.83
CA GLN A 102 19.92 9.15 -2.31
C GLN A 102 18.50 8.59 -2.32
N GLY A 103 17.56 9.43 -1.89
CA GLY A 103 16.16 9.02 -1.82
C GLY A 103 15.30 9.23 -3.03
N ALA A 104 14.36 8.30 -3.24
CA ALA A 104 13.42 8.37 -4.35
C ALA A 104 12.13 7.74 -3.89
N GLY A 105 11.06 7.98 -4.63
CA GLY A 105 9.82 7.31 -4.33
C GLY A 105 8.60 8.09 -4.76
N GLY A 106 7.54 7.99 -3.97
CA GLY A 106 6.24 8.54 -4.29
C GLY A 106 5.15 7.51 -4.13
N HIS A 107 4.18 7.58 -5.04
CA HIS A 107 3.02 6.67 -5.03
C HIS A 107 3.45 5.27 -5.47
N LEU A 108 3.21 4.26 -4.63
CA LEU A 108 3.57 2.91 -4.91
C LEU A 108 2.53 2.22 -5.80
N LEU A 109 3.05 1.57 -6.86
CA LEU A 109 2.23 0.64 -7.67
C LEU A 109 2.42 -0.78 -7.23
N GLY A 110 3.61 -1.14 -6.74
CA GLY A 110 3.87 -2.51 -6.27
C GLY A 110 5.29 -2.60 -5.76
N LEU A 111 5.54 -3.59 -4.91
CA LEU A 111 6.86 -3.81 -4.37
C LEU A 111 6.94 -5.20 -3.77
N THR A 112 8.16 -5.73 -3.84
CA THR A 112 8.48 -7.10 -3.48
C THR A 112 9.66 -7.12 -2.53
N VAL A 113 9.51 -7.82 -1.41
CA VAL A 113 10.58 -7.94 -0.42
C VAL A 113 11.75 -8.71 -1.04
N GLY A 114 12.96 -8.20 -0.80
CA GLY A 114 14.18 -8.82 -1.29
C GLY A 114 14.83 -9.69 -0.25
N THR A 115 16.15 -9.66 -0.24
CA THR A 115 16.86 -10.47 0.76
C THR A 115 16.84 -9.71 2.12
N GLY A 116 15.69 -9.77 2.75
CA GLY A 116 15.41 -8.95 3.93
C GLY A 116 14.01 -9.26 4.40
N SER A 117 13.36 -8.24 4.96
CA SER A 117 11.99 -8.37 5.47
C SER A 117 11.26 -7.04 5.28
N CYS A 118 10.00 -6.98 5.65
CA CYS A 118 9.24 -5.74 5.68
C CYS A 118 8.38 -5.75 6.94
N GLU A 119 8.59 -4.78 7.82
CA GLU A 119 7.83 -4.61 9.06
C GLU A 119 6.75 -3.58 8.80
N ILE A 120 5.50 -3.91 9.09
CA ILE A 120 4.37 -3.03 8.82
C ILE A 120 3.51 -2.90 10.06
N THR A 121 3.30 -1.67 10.51
CA THR A 121 2.51 -1.36 11.71
C THR A 121 1.13 -0.86 11.25
N VAL A 122 0.06 -1.62 11.53
CA VAL A 122 -1.26 -1.35 11.01
C VAL A 122 -2.18 -0.92 12.17
N THR A 123 -2.80 0.24 12.05
CA THR A 123 -3.75 0.78 13.03
C THR A 123 -5.16 0.62 12.44
N VAL A 124 -6.01 -0.20 13.07
CA VAL A 124 -7.31 -0.58 12.53
C VAL A 124 -8.42 0.23 13.13
N TYR A 125 -9.32 0.70 12.27
CA TYR A 125 -10.48 1.51 12.69
C TYR A 125 -11.75 0.70 12.54
N PRO A 126 -12.79 1.03 13.31
CA PRO A 126 -14.04 0.26 13.21
C PRO A 126 -14.94 0.58 12.03
N GLN A 127 -14.71 1.71 11.39
CA GLN A 127 -15.54 2.18 10.29
C GLN A 127 -15.12 1.61 8.94
N ARG A 128 -16.07 1.00 8.22
CA ARG A 128 -15.85 0.51 6.88
C ARG A 128 -15.80 1.71 5.94
N LEU A 129 -14.66 1.91 5.26
CA LEU A 129 -14.49 3.06 4.38
C LEU A 129 -14.27 2.64 2.95
N ASP A 130 -14.94 3.32 2.01
N ASP A 130 -14.87 3.42 2.04
CA ASP A 130 -14.62 3.14 0.59
CA ASP A 130 -14.75 3.25 0.60
C ASP A 130 -13.88 4.36 0.05
C ASP A 130 -14.01 4.42 -0.05
N ARG A 131 -13.14 4.11 -1.01
CA ARG A 131 -12.57 5.16 -1.83
C ARG A 131 -13.50 5.40 -3.00
N PHE A 132 -13.52 6.61 -3.49
CA PHE A 132 -14.42 6.98 -4.61
C PHE A 132 -13.65 7.96 -5.48
N VAL A 133 -14.07 8.09 -6.73
CA VAL A 133 -13.50 9.08 -7.62
C VAL A 133 -14.13 10.43 -7.31
N ASP A 134 -13.27 11.40 -6.99
N ASP A 134 -13.29 11.38 -6.93
CA ASP A 134 -13.64 12.80 -6.76
CA ASP A 134 -13.72 12.74 -6.72
C ASP A 134 -13.77 13.49 -8.12
C ASP A 134 -13.80 13.35 -8.12
N PRO A 135 -15.01 13.76 -8.54
CA PRO A 135 -15.19 14.28 -9.90
C PRO A 135 -14.57 15.64 -10.16
N GLU A 136 -14.24 16.37 -9.11
CA GLU A 136 -13.58 17.66 -9.29
C GLU A 136 -12.13 17.50 -9.72
N ILE A 137 -11.50 16.38 -9.41
CA ILE A 137 -10.11 16.14 -9.74
C ILE A 137 -9.79 14.87 -10.52
N GLN A 138 -10.75 13.97 -10.68
N GLN A 138 -10.77 13.99 -10.65
CA GLN A 138 -10.53 12.75 -11.46
CA GLN A 138 -10.64 12.75 -11.42
C GLN A 138 -9.45 11.89 -10.79
C GLN A 138 -9.59 11.79 -10.80
N ALA A 139 -9.54 11.78 -9.47
CA ALA A 139 -8.65 10.91 -8.68
C ALA A 139 -9.44 10.25 -7.55
N ASN A 140 -8.97 9.07 -7.13
CA ASN A 140 -9.55 8.37 -5.99
C ASN A 140 -9.24 9.09 -4.69
N VAL A 141 -10.25 9.24 -3.85
CA VAL A 141 -10.11 9.84 -2.53
C VAL A 141 -10.80 8.94 -1.51
N LEU A 142 -10.26 8.90 -0.28
CA LEU A 142 -10.85 8.14 0.80
C LEU A 142 -12.08 8.85 1.34
N GLY A 143 -13.23 8.19 1.30
N GLY A 143 -13.20 8.13 1.41
CA GLY A 143 -14.45 8.77 1.82
CA GLY A 143 -14.49 8.69 1.80
C GLY A 143 -14.55 8.57 3.30
C GLY A 143 -14.92 8.52 3.25
N LEU A 144 -14.96 9.59 4.01
N LEU A 144 -14.92 9.61 3.99
CA LEU A 144 -15.22 9.53 5.45
CA LEU A 144 -15.32 9.56 5.39
C LEU A 144 -16.73 9.65 5.70
C LEU A 144 -16.81 9.29 5.58
N PRO A 145 -17.22 9.07 6.83
CA PRO A 145 -18.64 9.14 7.23
C PRO A 145 -19.03 10.61 7.36
#